data_3CXD
#
_entry.id   3CXD
#
_cell.length_a   42.318
_cell.length_b   92.020
_cell.length_c   122.483
_cell.angle_alpha   90.000
_cell.angle_beta   90.000
_cell.angle_gamma   90.000
#
_symmetry.space_group_name_H-M   'P 21 21 21'
#
loop_
_entity.id
_entity.type
_entity.pdbx_description
1 polymer 'Fab fragment of anti-osteopontin antibody 23C3, Light chain'
2 polymer 'Fab fragment of anti-osteopontin antibody 23C3, Heavy chain'
3 polymer 'a peptide from osteopontin'
4 branched alpha-D-mannopyranose-(1-3)-beta-D-mannopyranose-(1-4)-2-acetamido-2-deoxy-beta-D-glucopyranose-(1-4)-2-acetamido-2-deoxy-beta-D-glucopyranose
#
loop_
_entity_poly.entity_id
_entity_poly.type
_entity_poly.pdbx_seq_one_letter_code
_entity_poly.pdbx_strand_id
1 'polypeptide(L)'
;YIQMTQSPASLSVSVGETVTITCRASENIYSFLAWYQQKQGKSPQLLVYAATNLADGVPSRFSGSGSGTQFSLKINSLQS
EDFGTYYCQHFWGTPFTFGSGTKLEIKRSDAAPTVSIFPPSAAQLSSGGGSVVCFLNNFYPKDINVKWKIDGAERGNGVL
NSWTSQDSADSTYSMSSTLTSGGDEYERHNSYTCEATHKTSTSPIVKSFNRAA
;
L
2 'polypeptide(L)'
;EVQLVESGGGLVQPKGSLKISCAASGFTFNIYAMNWVRQAPGKGLEWVARIRSQSNNYTTYYADSVKDRFTISRDDSQSM
LYLQMNNLKTEDTAMYYCVRQMGDYWGQGTTLTVSSAVKTPPSVYPLAPGGGAISNSMVTLGCLVNGYFPEPVTVTWNAG
SLGSGVHTFPAVLQSDLYTLSSSVTVPVSTWPSEAVTCNVAHPASATSVDKAISPV
;
H
3 'polypeptide(L)' VATWLNPDPSQK P
#
loop_
_chem_comp.id
_chem_comp.type
_chem_comp.name
_chem_comp.formula
BMA D-saccharide, beta linking beta-D-mannopyranose 'C6 H12 O6'
MAN D-saccharide, alpha linking alpha-D-mannopyranose 'C6 H12 O6'
NAG D-saccharide, beta linking 2-acetamido-2-deoxy-beta-D-glucopyranose 'C8 H15 N O6'
#
# COMPACT_ATOMS: atom_id res chain seq x y z
N TYR A 1 -8.41 26.89 12.56
CA TYR A 1 -8.62 25.44 12.25
C TYR A 1 -8.17 24.53 13.39
N ILE A 2 -8.82 23.38 13.52
CA ILE A 2 -8.52 22.48 14.62
C ILE A 2 -7.44 21.46 14.24
N GLN A 3 -6.38 21.40 15.04
CA GLN A 3 -5.26 20.51 14.79
C GLN A 3 -5.34 19.29 15.72
N MET A 4 -5.51 18.11 15.13
CA MET A 4 -5.55 16.85 15.88
C MET A 4 -4.15 16.26 15.98
N THR A 5 -3.62 16.12 17.19
CA THR A 5 -2.32 15.47 17.36
C THR A 5 -2.50 14.07 17.96
N GLN A 6 -1.99 13.07 17.25
CA GLN A 6 -2.14 11.66 17.64
C GLN A 6 -0.86 11.10 18.28
N SER A 7 -1.03 10.10 19.13
CA SER A 7 0.09 9.46 19.82
C SER A 7 -0.30 8.03 20.23
N PRO A 8 0.62 7.04 20.08
CA PRO A 8 1.95 7.15 19.45
C PRO A 8 1.90 6.94 17.94
N ALA A 9 3.00 7.29 17.25
CA ALA A 9 3.08 7.14 15.79
C ALA A 9 3.00 5.67 15.38
N SER A 10 3.51 4.79 16.24
CA SER A 10 3.53 3.35 15.98
C SER A 10 3.61 2.51 17.25
N LEU A 11 2.98 1.34 17.19
CA LEU A 11 2.97 0.36 18.28
C LEU A 11 3.28 -1.04 17.77
N SER A 12 4.06 -1.79 18.55
CA SER A 12 4.28 -3.19 18.28
C SER A 12 3.60 -4.03 19.36
N VAL A 13 2.40 -4.51 19.06
CA VAL A 13 1.54 -5.16 20.05
C VAL A 13 1.48 -6.68 19.83
N SER A 14 1.55 -7.44 20.92
CA SER A 14 1.37 -8.90 20.87
C SER A 14 -0.09 -9.27 21.08
N VAL A 15 -0.52 -10.37 20.46
CA VAL A 15 -1.89 -10.88 20.64
C VAL A 15 -2.21 -11.05 22.12
N GLY A 16 -3.44 -10.70 22.50
CA GLY A 16 -3.91 -10.81 23.89
C GLY A 16 -3.63 -9.57 24.71
N GLU A 17 -2.68 -8.76 24.25
CA GLU A 17 -2.30 -7.53 24.94
C GLU A 17 -3.37 -6.47 24.71
N THR A 18 -3.48 -5.53 25.64
CA THR A 18 -4.38 -4.39 25.49
C THR A 18 -3.55 -3.13 25.37
N VAL A 19 -4.00 -2.20 24.54
CA VAL A 19 -3.27 -0.95 24.32
C VAL A 19 -4.21 0.20 23.98
N THR A 20 -3.81 1.42 24.34
CA THR A 20 -4.62 2.61 24.08
C THR A 20 -3.91 3.61 23.17
N ILE A 21 -4.64 4.07 22.16
CA ILE A 21 -4.17 5.13 21.27
C ILE A 21 -4.87 6.43 21.68
N THR A 22 -4.09 7.47 21.95
CA THR A 22 -4.66 8.77 22.33
C THR A 22 -4.56 9.77 21.17
N CYS A 23 -5.43 10.78 21.22
CA CYS A 23 -5.55 11.77 20.16
C CYS A 23 -6.14 13.05 20.77
N ARG A 24 -5.37 14.13 20.75
CA ARG A 24 -5.78 15.41 21.36
C ARG A 24 -6.16 16.46 20.33
N ALA A 25 -7.13 17.29 20.68
CA ALA A 25 -7.67 18.31 19.79
C ALA A 25 -7.24 19.71 20.21
N SER A 26 -6.69 20.47 19.27
CA SER A 26 -6.29 21.86 19.50
C SER A 26 -7.35 22.67 20.25
N GLU A 27 -8.56 22.72 19.70
CA GLU A 27 -9.70 23.39 20.35
C GLU A 27 -10.63 22.39 21.00
N ASN A 28 -11.64 22.90 21.70
CA ASN A 28 -12.72 22.07 22.24
C ASN A 28 -13.64 21.61 21.11
N ILE A 29 -13.78 20.29 20.97
CA ILE A 29 -14.62 19.69 19.94
C ILE A 29 -15.73 18.82 20.55
N TYR A 30 -16.07 19.11 21.80
CA TYR A 30 -17.14 18.44 22.54
C TYR A 30 -17.04 16.90 22.45
N SER A 31 -17.79 16.30 21.54
CA SER A 31 -17.73 14.85 21.35
C SER A 31 -17.74 14.52 19.87
N PHE A 32 -17.47 15.52 19.04
CA PHE A 32 -17.48 15.35 17.60
C PHE A 32 -16.20 14.70 17.08
N LEU A 33 -15.98 13.45 17.46
CA LEU A 33 -14.78 12.72 17.03
C LEU A 33 -15.11 11.28 16.62
N ALA A 34 -14.47 10.83 15.54
CA ALA A 34 -14.60 9.45 15.06
C ALA A 34 -13.24 8.74 15.07
N TRP A 35 -13.28 7.41 15.04
CA TRP A 35 -12.06 6.59 14.95
C TRP A 35 -12.11 5.70 13.74
N TYR A 36 -10.98 5.59 13.05
CA TYR A 36 -10.89 4.72 11.88
C TYR A 36 -9.74 3.73 11.99
N GLN A 37 -9.98 2.53 11.46
CA GLN A 37 -8.93 1.56 11.23
C GLN A 37 -8.78 1.41 9.72
N GLN A 38 -7.54 1.48 9.24
CA GLN A 38 -7.26 1.28 7.83
C GLN A 38 -6.25 0.16 7.66
N LYS A 39 -6.54 -0.75 6.73
CA LYS A 39 -5.60 -1.82 6.38
C LYS A 39 -4.97 -1.52 5.02
N GLN A 40 -3.69 -1.86 4.88
CA GLN A 40 -2.90 -1.53 3.69
C GLN A 40 -3.60 -1.97 2.40
N GLY A 41 -3.72 -1.04 1.46
CA GLY A 41 -4.40 -1.29 0.19
C GLY A 41 -5.92 -1.24 0.31
N LYS A 42 -6.41 -0.72 1.44
CA LYS A 42 -7.85 -0.65 1.68
C LYS A 42 -8.33 0.73 2.17
N SER A 43 -9.63 0.93 2.08
CA SER A 43 -10.28 2.14 2.57
C SER A 43 -10.48 2.08 4.09
N PRO A 44 -10.40 3.23 4.78
CA PRO A 44 -10.60 3.25 6.22
C PRO A 44 -12.01 2.79 6.62
N GLN A 45 -12.07 1.99 7.68
CA GLN A 45 -13.35 1.52 8.19
C GLN A 45 -13.66 2.19 9.52
N LEU A 46 -14.89 2.68 9.65
CA LEU A 46 -15.34 3.39 10.86
C LEU A 46 -15.47 2.47 12.07
N LEU A 47 -14.74 2.83 13.14
CA LEU A 47 -14.72 2.06 14.39
C LEU A 47 -15.68 2.61 15.44
N VAL A 48 -15.46 3.87 15.83
CA VAL A 48 -16.26 4.53 16.86
C VAL A 48 -16.68 5.93 16.39
N TYR A 49 -17.95 6.27 16.59
CA TYR A 49 -18.45 7.59 16.24
C TYR A 49 -18.96 8.37 17.47
N ALA A 50 -18.95 9.70 17.35
CA ALA A 50 -19.27 10.60 18.46
C ALA A 50 -18.45 10.28 19.72
N ALA A 51 -17.20 9.87 19.50
CA ALA A 51 -16.23 9.60 20.57
C ALA A 51 -16.40 8.27 21.31
N THR A 52 -17.63 7.91 21.67
CA THR A 52 -17.88 6.71 22.51
C THR A 52 -18.83 5.65 21.93
N ASN A 53 -19.32 5.86 20.71
CA ASN A 53 -20.29 4.92 20.14
C ASN A 53 -19.67 3.92 19.16
N LEU A 54 -19.72 2.65 19.55
CA LEU A 54 -19.24 1.55 18.72
C LEU A 54 -20.11 1.41 17.47
N ALA A 55 -19.47 1.48 16.30
CA ALA A 55 -20.18 1.35 15.02
C ALA A 55 -20.55 -0.12 14.74
N ASP A 56 -21.53 -0.32 13.86
CA ASP A 56 -22.06 -1.65 13.54
C ASP A 56 -20.98 -2.61 13.05
N GLY A 57 -21.05 -3.85 13.53
CA GLY A 57 -20.14 -4.90 13.10
C GLY A 57 -18.70 -4.68 13.51
N VAL A 58 -18.51 -4.03 14.65
CA VAL A 58 -17.18 -3.81 15.21
C VAL A 58 -17.11 -4.51 16.56
N PRO A 59 -16.08 -5.36 16.76
CA PRO A 59 -15.83 -6.09 18.01
C PRO A 59 -15.98 -5.21 19.25
N SER A 60 -16.47 -5.81 20.34
CA SER A 60 -16.72 -5.09 21.59
C SER A 60 -15.44 -4.70 22.31
N ARG A 61 -14.31 -5.23 21.85
CA ARG A 61 -13.01 -4.92 22.43
C ARG A 61 -12.54 -3.49 22.11
N PHE A 62 -13.15 -2.89 21.09
CA PHE A 62 -12.86 -1.51 20.75
C PHE A 62 -13.68 -0.57 21.62
N SER A 63 -12.97 0.19 22.46
CA SER A 63 -13.60 1.14 23.37
C SER A 63 -13.10 2.56 23.09
N GLY A 64 -14.03 3.43 22.71
CA GLY A 64 -13.74 4.85 22.57
C GLY A 64 -14.22 5.59 23.80
N SER A 65 -13.39 6.51 24.29
CA SER A 65 -13.75 7.37 25.41
C SER A 65 -13.19 8.77 25.20
N GLY A 66 -13.67 9.71 26.00
CA GLY A 66 -13.18 11.08 25.95
C GLY A 66 -14.21 12.05 25.42
N SER A 67 -14.17 13.28 25.95
CA SER A 67 -14.98 14.37 25.48
C SER A 67 -14.30 15.67 25.85
N GLY A 68 -14.44 16.68 24.99
CA GLY A 68 -13.82 17.97 25.18
C GLY A 68 -12.62 18.14 24.26
N THR A 69 -11.44 17.82 24.78
CA THR A 69 -10.21 18.11 24.07
C THR A 69 -9.25 16.91 24.00
N GLN A 70 -9.40 15.99 24.95
CA GLN A 70 -8.58 14.79 25.03
C GLN A 70 -9.44 13.57 24.70
N PHE A 71 -8.98 12.78 23.74
CA PHE A 71 -9.67 11.55 23.36
C PHE A 71 -8.71 10.37 23.30
N SER A 72 -9.26 9.17 23.46
CA SER A 72 -8.46 7.94 23.37
C SER A 72 -9.27 6.71 23.00
N LEU A 73 -8.69 5.89 22.15
CA LEU A 73 -9.27 4.62 21.74
C LEU A 73 -8.53 3.49 22.47
N LYS A 74 -9.27 2.48 22.88
CA LYS A 74 -8.73 1.37 23.64
C LYS A 74 -9.11 0.03 23.02
N ILE A 75 -8.14 -0.86 22.88
CA ILE A 75 -8.37 -2.21 22.34
C ILE A 75 -8.08 -3.26 23.42
N ASN A 76 -9.12 -4.01 23.80
CA ASN A 76 -9.01 -5.04 24.84
C ASN A 76 -8.67 -6.41 24.26
N SER A 77 -7.54 -6.99 24.67
CA SER A 77 -7.06 -8.25 24.13
C SER A 77 -7.03 -8.22 22.60
N LEU A 78 -6.04 -7.50 22.07
CA LEU A 78 -5.91 -7.28 20.63
C LEU A 78 -5.73 -8.58 19.84
N GLN A 79 -6.58 -8.77 18.83
CA GLN A 79 -6.54 -9.95 17.99
C GLN A 79 -5.57 -9.79 16.82
N SER A 80 -5.25 -10.91 16.17
CA SER A 80 -4.33 -10.93 15.03
C SER A 80 -4.81 -10.02 13.90
N GLU A 81 -6.12 -9.97 13.72
CA GLU A 81 -6.75 -9.19 12.65
C GLU A 81 -6.76 -7.68 12.92
N ASP A 82 -6.45 -7.28 14.14
CA ASP A 82 -6.48 -5.87 14.52
C ASP A 82 -5.27 -5.08 14.05
N PHE A 83 -4.46 -5.66 13.17
CA PHE A 83 -3.35 -4.95 12.54
C PHE A 83 -3.90 -3.83 11.62
N GLY A 84 -3.12 -2.76 11.47
CA GLY A 84 -3.48 -1.68 10.57
C GLY A 84 -2.95 -0.32 11.00
N THR A 85 -3.53 0.73 10.43
CA THR A 85 -3.20 2.10 10.82
C THR A 85 -4.47 2.78 11.32
N TYR A 86 -4.42 3.29 12.54
CA TYR A 86 -5.58 3.87 13.21
C TYR A 86 -5.54 5.39 13.13
N TYR A 87 -6.65 5.98 12.69
CA TYR A 87 -6.76 7.43 12.56
C TYR A 87 -7.92 7.98 13.39
N CYS A 88 -7.74 9.18 13.93
CA CYS A 88 -8.86 9.96 14.47
C CYS A 88 -9.26 11.06 13.49
N GLN A 89 -10.50 11.52 13.61
CA GLN A 89 -10.99 12.65 12.84
C GLN A 89 -12.05 13.33 13.68
N HIS A 90 -11.99 14.66 13.72
CA HIS A 90 -13.02 15.47 14.34
C HIS A 90 -14.08 15.79 13.29
N PHE A 91 -15.30 16.08 13.75
CA PHE A 91 -16.33 16.58 12.84
C PHE A 91 -17.05 17.82 13.36
N TRP A 92 -16.30 18.71 13.99
CA TRP A 92 -16.83 19.96 14.50
C TRP A 92 -16.33 21.13 13.64
N GLY A 93 -16.98 21.32 12.49
CA GLY A 93 -16.63 22.40 11.58
C GLY A 93 -15.78 21.96 10.40
N THR A 94 -15.69 22.84 9.41
CA THR A 94 -14.87 22.64 8.21
C THR A 94 -13.52 23.36 8.40
N PRO A 95 -12.40 22.70 8.05
CA PRO A 95 -12.26 21.34 7.53
C PRO A 95 -12.22 20.26 8.62
N PHE A 96 -12.65 19.05 8.27
CA PHE A 96 -12.49 17.90 9.13
C PHE A 96 -11.03 17.46 9.01
N THR A 97 -10.30 17.55 10.10
CA THR A 97 -8.89 17.19 10.06
C THR A 97 -8.63 15.88 10.79
N PHE A 98 -7.57 15.20 10.37
CA PHE A 98 -7.25 13.85 10.86
C PHE A 98 -6.02 13.85 11.74
N GLY A 99 -5.91 12.82 12.58
CA GLY A 99 -4.67 12.55 13.31
C GLY A 99 -3.61 12.08 12.35
N SER A 100 -2.34 12.20 12.75
CA SER A 100 -1.20 11.82 11.91
C SER A 100 -1.09 10.31 11.72
N GLY A 101 -1.93 9.55 12.43
CA GLY A 101 -1.99 8.10 12.28
C GLY A 101 -1.16 7.32 13.29
N THR A 102 -1.58 6.08 13.54
CA THR A 102 -0.86 5.17 14.42
C THR A 102 -0.71 3.82 13.74
N LYS A 103 0.53 3.50 13.36
CA LYS A 103 0.85 2.25 12.70
C LYS A 103 0.87 1.13 13.74
N LEU A 104 0.09 0.08 13.52
CA LEU A 104 0.00 -1.00 14.51
C LEU A 104 0.52 -2.34 13.97
N GLU A 105 1.59 -2.83 14.61
CA GLU A 105 2.23 -4.08 14.21
C GLU A 105 1.92 -5.22 15.18
N ILE A 106 1.89 -6.44 14.68
CA ILE A 106 1.73 -7.63 15.51
C ILE A 106 3.09 -8.15 16.00
N LYS A 107 3.23 -8.30 17.31
CA LYS A 107 4.44 -8.87 17.91
C LYS A 107 4.46 -10.37 17.69
N ARG A 108 5.65 -10.87 17.36
CA ARG A 108 5.81 -12.25 16.93
C ARG A 108 7.15 -12.78 17.45
N SER A 109 7.26 -14.09 17.60
CA SER A 109 8.53 -14.73 17.93
C SER A 109 9.47 -14.58 16.75
N ASP A 110 10.76 -14.40 17.06
CA ASP A 110 11.79 -14.19 16.04
C ASP A 110 11.85 -15.33 15.04
N ALA A 111 12.15 -14.99 13.79
CA ALA A 111 12.30 -15.98 12.72
C ALA A 111 13.35 -15.53 11.70
N ALA A 112 14.23 -16.46 11.35
CA ALA A 112 15.30 -16.19 10.38
C ALA A 112 14.74 -16.03 8.97
N PRO A 113 15.38 -15.17 8.15
CA PRO A 113 14.96 -15.04 6.76
C PRO A 113 15.44 -16.19 5.90
N THR A 114 14.61 -16.64 4.98
CA THR A 114 15.04 -17.62 3.97
C THR A 114 15.53 -16.85 2.74
N VAL A 115 16.81 -16.99 2.45
CA VAL A 115 17.46 -16.18 1.42
C VAL A 115 17.60 -16.93 0.09
N SER A 116 17.16 -16.27 -0.97
CA SER A 116 17.25 -16.82 -2.32
C SER A 116 17.99 -15.84 -3.23
N ILE A 117 18.93 -16.37 -4.00
CA ILE A 117 19.73 -15.57 -4.94
C ILE A 117 19.40 -15.95 -6.39
N PHE A 118 19.35 -14.94 -7.25
CA PHE A 118 18.99 -15.15 -8.66
C PHE A 118 19.93 -14.41 -9.62
N PRO A 119 20.51 -15.16 -10.59
CA PRO A 119 21.35 -14.60 -11.65
C PRO A 119 20.53 -13.87 -12.71
N PRO A 120 21.10 -12.79 -13.31
CA PRO A 120 20.46 -12.03 -14.39
C PRO A 120 19.84 -12.91 -15.47
N SER A 121 18.59 -12.60 -15.81
CA SER A 121 17.82 -13.37 -16.78
C SER A 121 18.48 -13.44 -18.15
N ALA A 122 18.39 -14.62 -18.76
CA ALA A 122 18.90 -14.84 -20.12
C ALA A 122 18.14 -13.95 -21.12
N ALA A 123 16.88 -13.67 -20.81
CA ALA A 123 16.05 -12.74 -21.59
C ALA A 123 16.50 -11.29 -21.41
N GLN A 124 16.95 -10.95 -20.20
CA GLN A 124 17.44 -9.59 -19.90
C GLN A 124 18.80 -9.31 -20.53
N LEU A 125 19.61 -10.36 -20.68
CA LEU A 125 20.94 -10.24 -21.29
C LEU A 125 20.86 -9.81 -22.75
N SER A 126 19.93 -10.42 -23.49
CA SER A 126 19.67 -10.10 -24.90
C SER A 126 19.04 -8.71 -25.09
N SER A 127 18.89 -7.99 -23.98
CA SER A 127 18.33 -6.63 -23.97
C SER A 127 19.37 -5.60 -23.53
N GLY A 128 20.56 -6.08 -23.16
CA GLY A 128 21.67 -5.20 -22.76
C GLY A 128 21.69 -4.80 -21.29
N GLY A 129 20.80 -5.39 -20.49
CA GLY A 129 20.71 -5.10 -19.06
C GLY A 129 21.01 -6.31 -18.18
N GLY A 130 21.37 -6.05 -16.93
CA GLY A 130 21.71 -7.11 -15.98
C GLY A 130 21.37 -6.76 -14.53
N SER A 131 20.37 -7.46 -13.98
CA SER A 131 19.95 -7.26 -12.60
C SER A 131 20.05 -8.55 -11.79
N VAL A 132 20.68 -8.46 -10.63
CA VAL A 132 20.79 -9.60 -9.72
C VAL A 132 19.83 -9.40 -8.56
N VAL A 133 18.93 -10.37 -8.38
CA VAL A 133 17.86 -10.27 -7.39
C VAL A 133 18.12 -11.19 -6.19
N CYS A 134 17.78 -10.71 -5.00
CA CYS A 134 17.91 -11.49 -3.78
C CYS A 134 16.64 -11.38 -2.94
N PHE A 135 16.00 -12.52 -2.70
CA PHE A 135 14.81 -12.55 -1.86
C PHE A 135 15.15 -12.96 -0.44
N LEU A 136 14.57 -12.24 0.52
CA LEU A 136 14.69 -12.58 1.93
C LEU A 136 13.29 -12.73 2.50
N ASN A 137 12.84 -13.97 2.60
CA ASN A 137 11.43 -14.24 2.87
C ASN A 137 11.09 -14.70 4.27
N ASN A 138 9.96 -14.19 4.76
CA ASN A 138 9.36 -14.59 6.05
C ASN A 138 10.30 -14.51 7.24
N PHE A 139 10.56 -13.30 7.70
CA PHE A 139 11.40 -13.05 8.87
C PHE A 139 10.78 -12.03 9.83
N TYR A 140 11.20 -12.08 11.09
CA TYR A 140 10.78 -11.10 12.10
C TYR A 140 11.90 -10.96 13.14
N PRO A 141 12.16 -9.73 13.64
CA PRO A 141 11.54 -8.43 13.38
C PRO A 141 11.86 -7.79 12.02
N LYS A 142 11.43 -6.54 11.83
CA LYS A 142 11.43 -5.88 10.52
C LYS A 142 12.81 -5.51 10.00
N ASP A 143 13.62 -4.83 10.81
CA ASP A 143 14.95 -4.41 10.38
C ASP A 143 15.86 -5.58 10.04
N ILE A 144 16.60 -5.43 8.94
CA ILE A 144 17.41 -6.50 8.39
C ILE A 144 18.51 -5.86 7.55
N ASN A 145 19.70 -6.44 7.58
CA ASN A 145 20.84 -5.92 6.83
C ASN A 145 21.18 -6.78 5.61
N VAL A 146 21.25 -6.14 4.45
CA VAL A 146 21.66 -6.81 3.22
C VAL A 146 22.92 -6.15 2.68
N LYS A 147 23.91 -6.97 2.32
CA LYS A 147 25.13 -6.49 1.69
C LYS A 147 25.47 -7.36 0.49
N TRP A 148 26.06 -6.74 -0.53
CA TRP A 148 26.42 -7.44 -1.76
C TRP A 148 27.93 -7.65 -1.90
N LYS A 149 28.32 -8.76 -2.51
CA LYS A 149 29.73 -9.07 -2.74
C LYS A 149 29.94 -9.67 -4.14
N ILE A 150 30.70 -8.96 -4.96
CA ILE A 150 31.04 -9.44 -6.30
C ILE A 150 32.53 -9.76 -6.32
N ASP A 151 32.85 -11.05 -6.54
CA ASP A 151 34.24 -11.56 -6.54
C ASP A 151 34.98 -11.40 -5.21
N GLY A 152 34.22 -11.27 -4.12
CA GLY A 152 34.81 -11.01 -2.80
C GLY A 152 34.78 -9.53 -2.44
N ALA A 153 34.98 -8.67 -3.44
CA ALA A 153 34.87 -7.23 -3.25
C ALA A 153 33.41 -6.80 -3.08
N GLU A 154 33.16 -5.98 -2.07
CA GLU A 154 31.81 -5.52 -1.73
C GLU A 154 31.19 -4.65 -2.83
N ARG A 155 29.88 -4.43 -2.74
CA ARG A 155 29.17 -3.54 -3.66
C ARG A 155 28.07 -2.77 -2.93
N GLY A 156 28.07 -1.45 -3.10
CA GLY A 156 27.08 -0.58 -2.46
C GLY A 156 26.47 0.44 -3.42
N ASN A 157 26.72 0.27 -4.71
CA ASN A 157 26.28 1.21 -5.74
C ASN A 157 24.78 1.12 -6.06
N GLY A 158 24.44 0.28 -7.04
CA GLY A 158 23.07 0.18 -7.54
C GLY A 158 22.18 -0.79 -6.80
N VAL A 159 22.22 -0.72 -5.48
CA VAL A 159 21.42 -1.57 -4.61
C VAL A 159 20.18 -0.82 -4.11
N LEU A 160 19.00 -1.35 -4.42
CA LEU A 160 17.73 -0.75 -4.00
C LEU A 160 16.81 -1.81 -3.38
N ASN A 161 16.36 -1.55 -2.15
CA ASN A 161 15.61 -2.53 -1.37
C ASN A 161 14.14 -2.15 -1.19
N SER A 162 13.30 -3.18 -1.03
CA SER A 162 11.88 -2.96 -0.78
C SER A 162 11.35 -4.00 0.20
N TRP A 163 10.81 -3.52 1.32
CA TRP A 163 10.14 -4.38 2.29
C TRP A 163 8.69 -4.56 1.88
N THR A 164 8.03 -5.56 2.47
CA THR A 164 6.59 -5.70 2.31
C THR A 164 5.90 -5.32 3.62
N SER A 165 4.58 -5.15 3.57
CA SER A 165 3.77 -4.94 4.75
C SER A 165 3.65 -6.28 5.48
N GLN A 166 3.66 -6.23 6.81
CA GLN A 166 3.48 -7.42 7.64
C GLN A 166 2.17 -8.11 7.29
N ASP A 167 2.26 -9.36 6.83
CA ASP A 167 1.07 -10.05 6.32
C ASP A 167 0.18 -10.63 7.42
N SER A 168 -1.12 -10.69 7.13
CA SER A 168 -2.14 -11.19 8.06
C SER A 168 -1.91 -12.65 8.44
N ALA A 169 -1.44 -13.44 7.46
CA ALA A 169 -1.25 -14.87 7.63
C ALA A 169 -0.34 -15.25 8.81
N ASP A 170 0.97 -14.98 8.69
CA ASP A 170 1.94 -15.39 9.70
C ASP A 170 2.68 -14.24 10.41
N SER A 171 2.32 -13.01 10.07
CA SER A 171 2.83 -11.80 10.73
C SER A 171 4.32 -11.54 10.50
N THR A 172 4.88 -12.12 9.44
CA THR A 172 6.29 -11.91 9.13
C THR A 172 6.50 -10.81 8.09
N TYR A 173 7.76 -10.56 7.74
CA TYR A 173 8.13 -9.60 6.73
C TYR A 173 8.94 -10.26 5.62
N SER A 174 8.91 -9.66 4.43
CA SER A 174 9.78 -10.09 3.35
C SER A 174 10.44 -8.87 2.71
N MET A 175 11.58 -9.08 2.07
CA MET A 175 12.34 -7.98 1.49
C MET A 175 13.12 -8.42 0.26
N SER A 176 12.96 -7.67 -0.83
CA SER A 176 13.75 -7.90 -2.02
C SER A 176 14.90 -6.91 -2.05
N SER A 177 16.05 -7.37 -2.54
CA SER A 177 17.21 -6.53 -2.75
C SER A 177 17.66 -6.75 -4.20
N THR A 178 17.67 -5.68 -4.98
CA THR A 178 17.99 -5.79 -6.41
C THR A 178 19.21 -4.96 -6.82
N LEU A 179 20.32 -5.67 -7.06
CA LEU A 179 21.52 -5.06 -7.59
C LEU A 179 21.38 -4.91 -9.10
N THR A 180 21.38 -3.67 -9.55
CA THR A 180 21.28 -3.38 -10.97
C THR A 180 22.63 -2.86 -11.48
N SER A 181 23.14 -3.47 -12.55
CA SER A 181 24.46 -3.12 -13.09
C SER A 181 24.49 -3.10 -14.61
N GLY A 182 25.57 -2.55 -15.16
CA GLY A 182 25.74 -2.28 -16.60
C GLY A 182 25.16 -3.26 -17.61
N GLY A 183 25.32 -4.55 -17.37
CA GLY A 183 24.99 -5.60 -18.35
C GLY A 183 26.26 -6.06 -19.04
N ASP A 184 27.19 -5.12 -19.19
CA ASP A 184 28.55 -5.39 -19.61
C ASP A 184 29.41 -5.51 -18.34
N GLU A 185 29.09 -4.67 -17.35
CA GLU A 185 29.75 -4.68 -16.04
C GLU A 185 29.53 -6.01 -15.31
N TYR A 186 28.42 -6.66 -15.64
CA TYR A 186 28.08 -7.98 -15.09
C TYR A 186 29.07 -9.05 -15.55
N GLU A 187 29.35 -9.09 -16.84
CA GLU A 187 30.15 -10.17 -17.43
C GLU A 187 31.67 -10.08 -17.17
N ARG A 188 32.10 -9.01 -16.52
CA ARG A 188 33.50 -8.82 -16.12
C ARG A 188 33.87 -9.59 -14.86
N HIS A 189 32.85 -10.08 -14.14
CA HIS A 189 33.05 -10.90 -12.93
C HIS A 189 32.17 -12.15 -13.02
N ASN A 190 32.45 -13.15 -12.18
CA ASN A 190 31.63 -14.36 -12.15
C ASN A 190 31.00 -14.69 -10.79
N SER A 191 31.69 -14.39 -9.70
CA SER A 191 31.19 -14.69 -8.36
C SER A 191 30.30 -13.57 -7.83
N TYR A 192 29.09 -13.93 -7.38
CA TYR A 192 28.10 -12.98 -6.87
C TYR A 192 27.49 -13.47 -5.57
N THR A 193 27.58 -12.64 -4.53
CA THR A 193 27.15 -13.03 -3.18
C THR A 193 26.20 -12.02 -2.55
N CYS A 194 25.23 -12.56 -1.82
CA CYS A 194 24.18 -11.79 -1.15
C CYS A 194 24.20 -12.12 0.35
N GLU A 195 24.58 -11.15 1.17
CA GLU A 195 24.76 -11.35 2.61
C GLU A 195 23.65 -10.74 3.46
N ALA A 196 22.92 -11.59 4.18
CA ALA A 196 21.79 -11.15 5.00
C ALA A 196 22.09 -11.24 6.50
N THR A 197 22.17 -10.08 7.15
CA THR A 197 22.36 -10.01 8.60
C THR A 197 21.06 -9.58 9.30
N HIS A 198 20.67 -10.37 10.31
CA HIS A 198 19.41 -10.21 11.01
C HIS A 198 19.59 -10.56 12.48
N LYS A 199 18.71 -10.02 13.32
CA LYS A 199 18.71 -10.27 14.78
C LYS A 199 18.96 -11.73 15.17
N THR A 200 18.30 -12.65 14.47
CA THR A 200 18.34 -14.08 14.81
C THR A 200 19.75 -14.66 15.01
N SER A 201 20.66 -14.32 14.10
CA SER A 201 22.06 -14.78 14.21
C SER A 201 23.07 -13.70 13.83
N THR A 202 24.23 -13.75 14.46
CA THR A 202 25.34 -12.84 14.14
C THR A 202 26.07 -13.28 12.87
N SER A 203 26.01 -14.56 12.56
CA SER A 203 26.57 -15.08 11.32
C SER A 203 25.64 -14.80 10.14
N PRO A 204 26.11 -14.00 9.17
CA PRO A 204 25.29 -13.59 8.03
C PRO A 204 24.92 -14.77 7.13
N ILE A 205 23.69 -14.80 6.63
CA ILE A 205 23.25 -15.84 5.71
C ILE A 205 23.74 -15.49 4.30
N VAL A 206 24.70 -16.27 3.82
CA VAL A 206 25.27 -16.03 2.51
C VAL A 206 24.64 -16.92 1.45
N LYS A 207 24.14 -16.29 0.39
CA LYS A 207 23.72 -17.02 -0.80
C LYS A 207 24.47 -16.45 -1.98
N SER A 208 25.02 -17.34 -2.79
CA SER A 208 25.87 -16.91 -3.91
C SER A 208 25.61 -17.73 -5.18
N PHE A 209 26.21 -17.27 -6.27
CA PHE A 209 26.27 -18.04 -7.52
C PHE A 209 27.51 -17.65 -8.33
N ASN A 210 27.94 -18.56 -9.21
CA ASN A 210 29.02 -18.29 -10.14
C ASN A 210 28.48 -18.15 -11.56
N ARG A 211 28.70 -17.00 -12.17
CA ARG A 211 28.28 -16.77 -13.56
C ARG A 211 28.99 -17.74 -14.50
N ALA A 212 30.31 -17.85 -14.37
CA ALA A 212 31.11 -18.76 -15.17
C ALA A 212 31.19 -20.16 -14.52
N ALA A 213 30.02 -20.68 -14.15
CA ALA A 213 29.85 -22.03 -13.60
C ALA A 213 28.37 -22.41 -13.54
N GLU B 1 -26.48 -3.54 0.29
CA GLU B 1 -26.05 -2.56 1.33
C GLU B 1 -25.57 -1.25 0.71
N VAL B 2 -25.07 -0.34 1.56
CA VAL B 2 -24.50 0.93 1.12
C VAL B 2 -23.18 0.70 0.37
N GLN B 3 -23.08 1.30 -0.81
CA GLN B 3 -21.85 1.21 -1.61
C GLN B 3 -21.56 2.48 -2.40
N LEU B 4 -20.28 2.84 -2.44
CA LEU B 4 -19.80 3.99 -3.19
C LEU B 4 -18.62 3.54 -4.05
N VAL B 5 -18.82 3.56 -5.38
CA VAL B 5 -17.81 3.06 -6.31
C VAL B 5 -17.17 4.20 -7.10
N GLU B 6 -15.88 4.44 -6.84
CA GLU B 6 -15.11 5.47 -7.55
C GLU B 6 -14.64 5.02 -8.93
N SER B 7 -14.50 5.99 -9.83
CA SER B 7 -13.95 5.77 -11.17
C SER B 7 -13.38 7.06 -11.74
N GLY B 8 -12.58 6.93 -12.80
CA GLY B 8 -12.09 8.09 -13.54
C GLY B 8 -10.62 8.43 -13.35
N GLY B 9 -10.03 7.90 -12.29
CA GLY B 9 -8.62 8.18 -12.00
C GLY B 9 -7.64 7.61 -13.02
N GLY B 10 -6.72 8.45 -13.47
CA GLY B 10 -5.68 8.03 -14.39
C GLY B 10 -4.45 8.91 -14.28
N LEU B 11 -3.59 8.86 -15.29
CA LEU B 11 -2.40 9.71 -15.34
C LEU B 11 -2.74 11.02 -16.01
N VAL B 12 -2.40 12.12 -15.33
CA VAL B 12 -2.64 13.46 -15.85
C VAL B 12 -1.36 14.29 -15.86
N GLN B 13 -1.10 14.94 -16.99
CA GLN B 13 -0.02 15.90 -17.13
C GLN B 13 -0.25 17.04 -16.13
N PRO B 14 0.82 17.52 -15.46
CA PRO B 14 0.69 18.67 -14.55
C PRO B 14 0.03 19.86 -15.23
N LYS B 15 -0.72 20.64 -14.46
CA LYS B 15 -1.54 21.76 -14.96
C LYS B 15 -2.72 21.27 -15.81
N GLY B 16 -2.95 19.96 -15.81
CA GLY B 16 -4.06 19.36 -16.53
C GLY B 16 -5.34 19.26 -15.72
N SER B 17 -6.38 18.67 -16.33
CA SER B 17 -7.70 18.60 -15.71
C SER B 17 -8.26 17.18 -15.76
N LEU B 18 -9.01 16.82 -14.72
CA LEU B 18 -9.65 15.50 -14.65
C LEU B 18 -10.91 15.56 -13.82
N LYS B 19 -11.96 14.89 -14.28
CA LYS B 19 -13.19 14.72 -13.51
C LYS B 19 -13.29 13.29 -12.99
N ILE B 20 -13.30 13.13 -11.67
CA ILE B 20 -13.53 11.81 -11.08
C ILE B 20 -14.99 11.65 -10.65
N SER B 21 -15.44 10.41 -10.54
CA SER B 21 -16.83 10.11 -10.25
C SER B 21 -17.02 9.15 -9.10
N CYS B 22 -18.18 9.24 -8.45
CA CYS B 22 -18.59 8.30 -7.42
C CYS B 22 -20.03 7.90 -7.65
N ALA B 23 -20.26 6.60 -7.84
CA ALA B 23 -21.61 6.07 -8.02
C ALA B 23 -22.12 5.50 -6.70
N ALA B 24 -23.30 5.94 -6.29
CA ALA B 24 -23.87 5.54 -5.01
C ALA B 24 -25.13 4.70 -5.17
N SER B 25 -25.30 3.72 -4.27
CA SER B 25 -26.49 2.89 -4.23
C SER B 25 -26.66 2.27 -2.84
N GLY B 26 -27.88 1.83 -2.53
CA GLY B 26 -28.18 1.23 -1.23
C GLY B 26 -28.54 2.24 -0.15
N PHE B 27 -28.85 3.47 -0.55
CA PHE B 27 -29.33 4.49 0.38
C PHE B 27 -29.90 5.69 -0.37
N THR B 28 -30.73 6.48 0.31
CA THR B 28 -31.30 7.69 -0.26
C THR B 28 -30.20 8.73 -0.41
N PHE B 29 -29.61 8.80 -1.61
CA PHE B 29 -28.50 9.70 -1.90
C PHE B 29 -28.85 11.18 -1.70
N ASN B 30 -30.02 11.61 -2.17
CA ASN B 30 -30.34 13.04 -2.20
C ASN B 30 -30.54 13.74 -0.84
N ILE B 31 -30.54 12.95 0.23
CA ILE B 31 -30.69 13.51 1.59
C ILE B 31 -29.36 13.60 2.35
N TYR B 32 -28.37 12.85 1.89
CA TYR B 32 -27.08 12.79 2.56
C TYR B 32 -26.11 13.83 2.03
N ALA B 33 -25.36 14.43 2.94
CA ALA B 33 -24.22 15.26 2.57
C ALA B 33 -23.13 14.32 2.14
N MET B 34 -22.31 14.76 1.17
CA MET B 34 -21.22 13.95 0.66
C MET B 34 -19.90 14.70 0.70
N ASN B 35 -18.78 13.98 0.59
CA ASN B 35 -17.45 14.61 0.56
C ASN B 35 -16.38 13.77 -0.10
N TRP B 36 -15.28 14.41 -0.47
CA TRP B 36 -14.09 13.72 -0.99
C TRP B 36 -12.95 13.82 0.03
N VAL B 37 -12.24 12.71 0.22
CA VAL B 37 -11.05 12.66 1.07
C VAL B 37 -9.93 12.02 0.25
N ARG B 38 -8.71 12.53 0.42
CA ARG B 38 -7.56 11.98 -0.32
C ARG B 38 -6.43 11.46 0.58
N GLN B 39 -5.58 10.62 0.01
CA GLN B 39 -4.47 10.01 0.73
C GLN B 39 -3.29 9.80 -0.21
N ALA B 40 -2.32 10.71 -0.12
CA ALA B 40 -1.08 10.60 -0.89
C ALA B 40 -0.36 9.28 -0.57
N PRO B 41 0.32 8.70 -1.58
CA PRO B 41 0.95 7.40 -1.38
C PRO B 41 1.89 7.43 -0.18
N GLY B 42 1.58 6.61 0.83
CA GLY B 42 2.42 6.50 2.04
C GLY B 42 2.07 7.47 3.16
N LYS B 43 1.36 8.55 2.84
CA LYS B 43 1.01 9.57 3.83
C LYS B 43 -0.37 9.32 4.47
N GLY B 44 -0.86 10.30 5.23
CA GLY B 44 -2.14 10.20 5.92
C GLY B 44 -3.30 10.75 5.11
N LEU B 45 -4.49 10.74 5.71
CA LEU B 45 -5.73 11.19 5.05
C LEU B 45 -5.90 12.69 5.13
N GLU B 46 -6.25 13.31 4.00
CA GLU B 46 -6.54 14.73 3.94
C GLU B 46 -7.94 14.97 3.39
N TRP B 47 -8.78 15.66 4.17
CA TRP B 47 -10.10 16.03 3.72
C TRP B 47 -10.02 17.14 2.65
N VAL B 48 -10.81 17.01 1.59
CA VAL B 48 -10.67 17.85 0.40
C VAL B 48 -11.87 18.75 0.11
N ALA B 49 -13.07 18.18 0.16
CA ALA B 49 -14.29 18.94 -0.16
C ALA B 49 -15.52 18.30 0.47
N ARG B 50 -16.54 19.13 0.71
CA ARG B 50 -17.86 18.65 1.16
C ARG B 50 -18.96 19.40 0.41
N ILE B 51 -20.09 18.72 0.22
CA ILE B 51 -21.28 19.26 -0.43
C ILE B 51 -22.54 18.78 0.31
N ARG B 52 -23.39 19.73 0.69
CA ARG B 52 -24.62 19.43 1.44
C ARG B 52 -25.75 18.99 0.51
N SER B 53 -26.82 18.44 1.09
CA SER B 53 -27.99 18.02 0.32
C SER B 53 -28.73 19.21 -0.28
N GLN B 54 -29.59 18.91 -1.25
CA GLN B 54 -30.43 19.93 -1.90
C GLN B 54 -31.24 20.75 -0.89
N SER B 55 -31.84 20.07 0.09
CA SER B 55 -32.63 20.72 1.14
C SER B 55 -31.86 21.84 1.85
N ASN B 56 -30.53 21.73 1.85
CA ASN B 56 -29.66 22.76 2.39
C ASN B 56 -28.92 23.52 1.30
N ASN B 57 -29.60 23.72 0.16
CA ASN B 57 -29.13 24.56 -0.96
C ASN B 57 -27.77 24.19 -1.57
N TYR B 58 -27.31 22.97 -1.28
CA TYR B 58 -26.06 22.43 -1.87
C TYR B 58 -24.78 23.16 -1.43
N THR B 59 -24.82 23.87 -0.30
CA THR B 59 -23.64 24.63 0.13
C THR B 59 -22.38 23.76 0.18
N THR B 60 -21.28 24.29 -0.35
CA THR B 60 -20.01 23.55 -0.52
C THR B 60 -18.88 24.03 0.39
N TYR B 61 -17.95 23.13 0.70
CA TYR B 61 -16.80 23.42 1.56
C TYR B 61 -15.56 22.81 0.93
N TYR B 62 -14.41 23.48 1.08
CA TYR B 62 -13.18 23.01 0.45
C TYR B 62 -11.99 23.08 1.42
N ALA B 63 -10.90 22.42 1.05
CA ALA B 63 -9.63 22.60 1.73
C ALA B 63 -8.85 23.70 1.02
N ASP B 64 -8.20 24.55 1.80
CA ASP B 64 -7.38 25.66 1.29
C ASP B 64 -6.43 25.28 0.14
N SER B 65 -5.82 24.09 0.22
CA SER B 65 -4.86 23.65 -0.80
C SER B 65 -5.54 23.15 -2.09
N VAL B 66 -6.85 23.35 -2.16
CA VAL B 66 -7.65 22.80 -3.24
C VAL B 66 -8.68 23.82 -3.77
N LYS B 67 -8.94 24.85 -2.97
CA LYS B 67 -9.92 25.89 -3.30
C LYS B 67 -9.61 26.59 -4.64
N ASP B 68 -10.64 27.15 -5.27
CA ASP B 68 -10.53 27.86 -6.55
C ASP B 68 -9.91 27.02 -7.67
N ARG B 69 -10.01 25.69 -7.57
CA ARG B 69 -9.26 24.78 -8.43
C ARG B 69 -9.96 23.43 -8.58
N PHE B 70 -10.57 22.97 -7.50
CA PHE B 70 -11.38 21.75 -7.49
C PHE B 70 -12.81 22.17 -7.22
N THR B 71 -13.75 21.62 -7.97
CA THR B 71 -15.16 21.85 -7.67
C THR B 71 -15.92 20.53 -7.49
N ILE B 72 -16.50 20.36 -6.32
CA ILE B 72 -17.34 19.22 -5.98
C ILE B 72 -18.77 19.47 -6.49
N SER B 73 -19.35 18.48 -7.15
CA SER B 73 -20.74 18.55 -7.58
C SER B 73 -21.44 17.20 -7.48
N ARG B 74 -22.77 17.21 -7.59
CA ARG B 74 -23.58 16.00 -7.50
C ARG B 74 -24.81 16.03 -8.41
N ASP B 75 -25.08 14.90 -9.04
CA ASP B 75 -26.32 14.70 -9.80
C ASP B 75 -27.20 13.77 -8.97
N ASP B 76 -28.21 14.36 -8.32
CA ASP B 76 -29.11 13.60 -7.44
C ASP B 76 -30.03 12.66 -8.22
N SER B 77 -30.32 13.00 -9.47
CA SER B 77 -31.14 12.19 -10.37
C SER B 77 -30.50 10.86 -10.71
N GLN B 78 -29.17 10.79 -10.64
CA GLN B 78 -28.41 9.61 -11.02
C GLN B 78 -27.56 9.08 -9.86
N SER B 79 -27.82 9.57 -8.65
CA SER B 79 -27.04 9.20 -7.46
C SER B 79 -25.53 9.22 -7.74
N MET B 80 -25.05 10.32 -8.32
CA MET B 80 -23.66 10.49 -8.72
C MET B 80 -23.00 11.66 -7.99
N LEU B 81 -21.78 11.43 -7.51
CA LEU B 81 -20.94 12.49 -6.95
C LEU B 81 -19.72 12.70 -7.84
N TYR B 82 -19.41 13.96 -8.13
CA TYR B 82 -18.29 14.28 -9.01
C TYR B 82 -17.24 15.15 -8.32
N LEU B 83 -16.04 15.19 -8.90
CA LEU B 83 -15.02 16.14 -8.48
C LEU B 83 -14.27 16.61 -9.72
N GLN B 84 -14.51 17.86 -10.12
CA GLN B 84 -13.76 18.48 -11.19
C GLN B 84 -12.43 18.97 -10.64
N MET B 85 -11.34 18.56 -11.27
CA MET B 85 -10.01 18.95 -10.83
C MET B 85 -9.27 19.62 -11.98
N ASN B 86 -8.96 20.90 -11.79
CA ASN B 86 -8.27 21.69 -12.79
C ASN B 86 -6.93 22.17 -12.26
N ASN B 87 -6.00 22.49 -13.15
CA ASN B 87 -4.67 22.95 -12.77
C ASN B 87 -4.06 22.04 -11.70
N LEU B 88 -3.96 20.76 -12.04
CA LEU B 88 -3.44 19.75 -11.12
C LEU B 88 -1.93 19.92 -10.90
N LYS B 89 -1.51 19.80 -9.65
CA LYS B 89 -0.09 19.88 -9.29
C LYS B 89 0.41 18.51 -8.82
N THR B 90 1.73 18.37 -8.72
CA THR B 90 2.38 17.15 -8.20
C THR B 90 1.78 16.68 -6.88
N GLU B 91 1.60 17.63 -5.94
CA GLU B 91 1.12 17.31 -4.60
C GLU B 91 -0.34 16.84 -4.55
N ASP B 92 -1.01 16.87 -5.70
CA ASP B 92 -2.39 16.40 -5.81
C ASP B 92 -2.47 14.91 -6.16
N THR B 93 -1.30 14.29 -6.36
CA THR B 93 -1.19 12.86 -6.58
C THR B 93 -1.64 12.11 -5.32
N ALA B 94 -2.72 11.34 -5.43
CA ALA B 94 -3.29 10.64 -4.28
C ALA B 94 -4.36 9.61 -4.65
N MET B 95 -4.76 8.83 -3.65
CA MET B 95 -5.96 8.01 -3.73
C MET B 95 -7.14 8.88 -3.33
N TYR B 96 -8.15 8.98 -4.19
CA TYR B 96 -9.31 9.82 -3.89
C TYR B 96 -10.49 8.98 -3.42
N TYR B 97 -10.97 9.29 -2.23
CA TYR B 97 -12.04 8.55 -1.59
C TYR B 97 -13.38 9.30 -1.59
N CYS B 98 -14.42 8.56 -1.92
CA CYS B 98 -15.78 9.05 -1.85
C CYS B 98 -16.32 8.68 -0.46
N VAL B 99 -16.59 9.69 0.35
CA VAL B 99 -17.02 9.49 1.74
C VAL B 99 -18.44 10.00 1.95
N ARG B 100 -19.24 9.24 2.70
CA ARG B 100 -20.63 9.59 2.95
C ARG B 100 -20.80 10.31 4.29
N GLN B 101 -21.72 11.28 4.30
CA GLN B 101 -22.01 12.11 5.48
C GLN B 101 -20.76 12.64 6.13
N MET B 102 -20.44 12.09 7.30
CA MET B 102 -19.36 12.59 8.13
C MET B 102 -18.21 11.58 8.19
N GLY B 103 -18.47 10.37 7.69
CA GLY B 103 -17.44 9.35 7.53
C GLY B 103 -17.83 7.90 7.73
N ASP B 104 -19.13 7.60 7.80
CA ASP B 104 -19.59 6.25 8.11
C ASP B 104 -19.31 5.22 7.01
N TYR B 105 -19.22 5.68 5.76
CA TYR B 105 -18.93 4.79 4.63
C TYR B 105 -17.93 5.40 3.65
N TRP B 106 -16.95 4.61 3.26
CA TRP B 106 -15.90 5.05 2.35
C TRP B 106 -15.86 4.17 1.11
N GLY B 107 -15.62 4.78 -0.04
CA GLY B 107 -15.43 4.02 -1.27
C GLY B 107 -14.03 3.42 -1.34
N GLN B 108 -13.83 2.52 -2.28
CA GLN B 108 -12.52 1.86 -2.45
C GLN B 108 -11.46 2.81 -3.02
N GLY B 109 -11.91 3.84 -3.73
CA GLY B 109 -11.03 4.90 -4.20
C GLY B 109 -10.51 4.72 -5.61
N THR B 110 -10.20 5.83 -6.26
CA THR B 110 -9.45 5.82 -7.52
C THR B 110 -8.13 6.52 -7.32
N THR B 111 -7.09 5.97 -7.95
CA THR B 111 -5.77 6.59 -7.91
C THR B 111 -5.71 7.73 -8.92
N LEU B 112 -5.16 8.86 -8.48
CA LEU B 112 -4.78 9.94 -9.36
C LEU B 112 -3.26 10.13 -9.31
N THR B 113 -2.63 10.06 -10.47
CA THR B 113 -1.19 10.27 -10.59
C THR B 113 -0.95 11.53 -11.42
N VAL B 114 -0.35 12.54 -10.80
CA VAL B 114 0.00 13.77 -11.51
C VAL B 114 1.51 13.78 -11.82
N SER B 115 1.84 13.40 -13.04
CA SER B 115 3.24 13.30 -13.49
C SER B 115 3.37 13.68 -14.96
N SER B 116 4.57 14.11 -15.34
CA SER B 116 4.86 14.44 -16.73
C SER B 116 5.71 13.32 -17.36
N ALA B 117 5.89 12.24 -16.60
CA ALA B 117 6.54 11.04 -17.11
C ALA B 117 5.62 10.33 -18.09
N VAL B 118 6.23 9.58 -19.02
CA VAL B 118 5.49 8.96 -20.10
C VAL B 118 5.07 7.53 -19.72
N LYS B 119 3.93 7.08 -20.23
CA LYS B 119 3.48 5.70 -20.04
C LYS B 119 4.38 4.74 -20.81
N THR B 120 4.81 3.68 -20.13
CA THR B 120 5.79 2.73 -20.68
C THR B 120 5.43 1.30 -20.26
N PRO B 121 5.38 0.37 -21.24
CA PRO B 121 5.18 -1.05 -20.92
C PRO B 121 6.37 -1.64 -20.17
N PRO B 122 6.12 -2.62 -19.29
CA PRO B 122 7.19 -3.23 -18.50
C PRO B 122 7.96 -4.32 -19.24
N SER B 123 9.23 -4.48 -18.88
CA SER B 123 10.02 -5.62 -19.33
C SER B 123 9.92 -6.72 -18.27
N VAL B 124 9.40 -7.88 -18.67
CA VAL B 124 9.22 -9.00 -17.75
C VAL B 124 10.33 -10.02 -17.90
N TYR B 125 10.99 -10.35 -16.79
CA TYR B 125 12.03 -11.38 -16.77
C TYR B 125 11.69 -12.48 -15.77
N PRO B 126 12.01 -13.74 -16.11
CA PRO B 126 11.86 -14.81 -15.12
C PRO B 126 13.05 -14.85 -14.18
N LEU B 127 12.81 -15.28 -12.94
CA LEU B 127 13.87 -15.45 -11.95
C LEU B 127 13.97 -16.92 -11.56
N ALA B 128 15.05 -17.57 -11.99
CA ALA B 128 15.30 -18.98 -11.72
C ALA B 128 16.64 -19.16 -10.99
N PRO B 129 16.74 -20.18 -10.11
CA PRO B 129 17.94 -20.37 -9.29
C PRO B 129 19.19 -20.66 -10.12
N GLY B 130 20.36 -20.40 -9.54
CA GLY B 130 21.64 -20.62 -10.21
C GLY B 130 22.70 -21.20 -9.28
N GLY B 131 23.84 -21.57 -9.87
CA GLY B 131 24.94 -22.17 -9.10
C GLY B 131 24.57 -23.55 -8.60
N GLY B 132 24.07 -23.60 -7.36
CA GLY B 132 23.64 -24.86 -6.75
C GLY B 132 23.66 -24.84 -5.22
N ALA B 133 23.80 -26.04 -4.63
CA ALA B 133 23.81 -26.24 -3.17
C ALA B 133 22.50 -25.75 -2.54
N ILE B 134 21.42 -26.45 -2.88
CA ILE B 134 20.07 -26.13 -2.40
C ILE B 134 19.87 -26.64 -0.96
N SER B 135 19.37 -25.77 -0.08
CA SER B 135 19.26 -26.08 1.36
C SER B 135 17.82 -26.03 1.88
N ASN B 136 16.86 -26.19 0.97
CA ASN B 136 15.44 -26.16 1.31
C ASN B 136 14.64 -27.07 0.37
N SER B 137 13.64 -27.74 0.92
CA SER B 137 12.70 -28.56 0.15
C SER B 137 11.82 -27.72 -0.76
N MET B 138 11.54 -26.49 -0.32
CA MET B 138 10.77 -25.53 -1.12
C MET B 138 11.72 -24.67 -1.94
N VAL B 139 11.44 -24.58 -3.24
CA VAL B 139 12.22 -23.74 -4.15
C VAL B 139 11.46 -22.45 -4.46
N THR B 140 12.07 -21.32 -4.15
CA THR B 140 11.45 -20.03 -4.42
C THR B 140 11.79 -19.55 -5.83
N LEU B 141 10.77 -19.16 -6.57
CA LEU B 141 10.94 -18.65 -7.93
C LEU B 141 10.35 -17.25 -8.01
N GLY B 142 10.76 -16.48 -9.01
CA GLY B 142 10.29 -15.11 -9.14
C GLY B 142 10.09 -14.57 -10.54
N CYS B 143 9.57 -13.36 -10.60
CA CYS B 143 9.48 -12.60 -11.85
C CYS B 143 9.88 -11.15 -11.59
N LEU B 144 10.85 -10.67 -12.37
CA LEU B 144 11.27 -9.28 -12.30
C LEU B 144 10.51 -8.44 -13.32
N VAL B 145 9.92 -7.35 -12.87
CA VAL B 145 9.21 -6.43 -13.74
C VAL B 145 10.00 -5.13 -13.76
N ASN B 146 10.60 -4.82 -14.91
CA ASN B 146 11.56 -3.72 -15.02
C ASN B 146 11.07 -2.59 -15.93
N GLY B 147 11.25 -1.35 -15.47
CA GLY B 147 10.97 -0.15 -16.26
C GLY B 147 9.56 0.02 -16.79
N TYR B 148 8.67 0.53 -15.93
CA TYR B 148 7.30 0.82 -16.35
C TYR B 148 6.75 2.10 -15.71
N PHE B 149 5.73 2.69 -16.35
CA PHE B 149 5.02 3.84 -15.79
C PHE B 149 3.61 3.92 -16.40
N PRO B 150 2.60 4.26 -15.60
CA PRO B 150 2.64 4.49 -14.15
C PRO B 150 2.24 3.24 -13.36
N GLU B 151 1.98 3.43 -12.07
CA GLU B 151 1.37 2.40 -11.23
C GLU B 151 -0.11 2.27 -11.56
N PRO B 152 -0.73 1.10 -11.28
CA PRO B 152 -0.15 -0.11 -10.73
C PRO B 152 0.09 -1.21 -11.75
N VAL B 153 0.74 -2.28 -11.32
CA VAL B 153 0.76 -3.54 -12.07
C VAL B 153 0.17 -4.67 -11.22
N THR B 154 -0.19 -5.77 -11.88
CA THR B 154 -0.85 -6.89 -11.24
C THR B 154 -0.11 -8.17 -11.57
N VAL B 155 0.54 -8.75 -10.56
CA VAL B 155 1.25 -10.02 -10.72
C VAL B 155 0.53 -11.16 -10.01
N THR B 156 0.09 -12.16 -10.78
CA THR B 156 -0.48 -13.38 -10.23
C THR B 156 0.32 -14.56 -10.77
N TRP B 157 0.17 -15.73 -10.14
CA TRP B 157 0.81 -16.94 -10.62
C TRP B 157 -0.24 -17.99 -11.00
N ASN B 158 0.00 -18.66 -12.13
CA ASN B 158 -0.87 -19.72 -12.66
C ASN B 158 -2.36 -19.35 -12.67
N ALA B 159 -2.69 -18.27 -13.39
CA ALA B 159 -4.07 -17.78 -13.55
C ALA B 159 -4.80 -17.47 -12.24
N GLY B 160 -4.10 -17.62 -11.11
CA GLY B 160 -4.67 -17.38 -9.79
C GLY B 160 -4.66 -18.60 -8.89
N SER B 161 -3.99 -19.67 -9.33
CA SER B 161 -3.91 -20.93 -8.58
C SER B 161 -3.04 -20.81 -7.33
N LEU B 162 -1.77 -20.41 -7.55
CA LEU B 162 -0.81 -20.23 -6.47
C LEU B 162 -1.19 -19.03 -5.61
N GLY B 163 -2.05 -19.27 -4.62
CA GLY B 163 -2.52 -18.23 -3.72
C GLY B 163 -1.53 -17.93 -2.61
N SER B 164 -1.04 -18.99 -1.97
CA SER B 164 -0.06 -18.87 -0.89
C SER B 164 1.36 -19.09 -1.40
N GLY B 165 2.34 -18.61 -0.62
CA GLY B 165 3.75 -18.72 -0.98
C GLY B 165 4.20 -17.59 -1.89
N VAL B 166 3.31 -16.60 -2.07
CA VAL B 166 3.54 -15.51 -3.00
C VAL B 166 3.76 -14.19 -2.26
N HIS B 167 4.91 -13.57 -2.50
CA HIS B 167 5.22 -12.22 -2.00
C HIS B 167 5.41 -11.25 -3.16
N THR B 168 4.60 -10.20 -3.18
CA THR B 168 4.77 -9.12 -4.17
C THR B 168 5.26 -7.86 -3.49
N PHE B 169 6.45 -7.41 -3.88
CA PHE B 169 7.14 -6.29 -3.25
C PHE B 169 6.76 -4.97 -3.91
N PRO B 170 6.48 -3.93 -3.10
CA PRO B 170 6.02 -2.60 -3.52
C PRO B 170 6.52 -2.11 -4.89
N ALA B 171 7.50 -1.19 -4.90
CA ALA B 171 8.00 -0.56 -6.13
C ALA B 171 8.98 0.54 -5.77
N VAL B 172 9.75 0.98 -6.77
CA VAL B 172 10.74 2.04 -6.55
C VAL B 172 10.91 2.92 -7.80
N LEU B 173 11.06 4.23 -7.57
CA LEU B 173 11.35 5.16 -8.64
C LEU B 173 12.85 5.41 -8.74
N GLN B 174 13.38 5.29 -9.97
CA GLN B 174 14.77 5.66 -10.25
C GLN B 174 14.84 6.81 -11.25
N SER B 175 14.29 6.60 -12.45
CA SER B 175 14.29 7.62 -13.49
C SER B 175 12.93 7.65 -14.18
N ASP B 176 11.92 8.10 -13.43
CA ASP B 176 10.51 8.14 -13.87
C ASP B 176 9.99 6.75 -14.26
N LEU B 177 10.61 5.71 -13.73
CA LEU B 177 10.28 4.32 -14.05
C LEU B 177 10.23 3.44 -12.80
N TYR B 178 9.21 2.60 -12.74
CA TYR B 178 9.01 1.70 -11.60
C TYR B 178 9.60 0.32 -11.82
N THR B 179 9.96 -0.34 -10.73
CA THR B 179 10.46 -1.72 -10.76
C THR B 179 9.96 -2.49 -9.54
N LEU B 180 9.35 -3.64 -9.78
CA LEU B 180 8.95 -4.53 -8.70
C LEU B 180 9.24 -6.00 -9.03
N SER B 181 9.48 -6.79 -7.99
CA SER B 181 9.69 -8.23 -8.14
C SER B 181 8.58 -9.00 -7.45
N SER B 182 8.40 -10.26 -7.85
CA SER B 182 7.46 -11.16 -7.19
C SER B 182 8.11 -12.50 -6.96
N SER B 183 7.73 -13.16 -5.87
CA SER B 183 8.33 -14.43 -5.50
C SER B 183 7.26 -15.49 -5.20
N VAL B 184 7.64 -16.75 -5.41
CA VAL B 184 6.74 -17.89 -5.19
C VAL B 184 7.55 -19.09 -4.71
N THR B 185 7.09 -19.71 -3.63
CA THR B 185 7.74 -20.92 -3.07
C THR B 185 6.94 -22.19 -3.40
N VAL B 186 7.61 -23.13 -4.05
CA VAL B 186 6.99 -24.38 -4.49
C VAL B 186 7.89 -25.59 -4.20
N PRO B 187 7.29 -26.77 -3.94
CA PRO B 187 8.09 -27.98 -3.69
C PRO B 187 8.91 -28.40 -4.92
N VAL B 188 10.02 -29.10 -4.69
CA VAL B 188 10.83 -29.65 -5.78
C VAL B 188 10.10 -30.82 -6.47
N SER B 189 9.08 -31.36 -5.81
CA SER B 189 8.17 -32.34 -6.41
C SER B 189 7.30 -31.69 -7.50
N THR B 190 6.87 -30.46 -7.22
CA THR B 190 6.05 -29.67 -8.14
C THR B 190 6.87 -29.12 -9.33
N TRP B 191 8.09 -28.68 -9.05
CA TRP B 191 8.91 -28.00 -10.05
C TRP B 191 10.26 -28.70 -10.25
N PRO B 192 10.70 -28.87 -11.52
CA PRO B 192 10.09 -28.44 -12.79
C PRO B 192 9.10 -29.44 -13.40
N SER B 193 8.54 -30.32 -12.56
CA SER B 193 7.59 -31.35 -13.00
C SER B 193 6.29 -30.75 -13.55
N GLU B 194 5.86 -29.63 -12.97
CA GLU B 194 4.74 -28.85 -13.49
C GLU B 194 5.26 -27.53 -14.07
N ALA B 195 4.40 -26.82 -14.79
CA ALA B 195 4.76 -25.56 -15.42
C ALA B 195 4.34 -24.37 -14.55
N VAL B 196 5.34 -23.71 -13.96
CA VAL B 196 5.10 -22.51 -13.15
C VAL B 196 5.25 -21.25 -14.01
N THR B 197 4.18 -20.48 -14.10
CA THR B 197 4.14 -19.28 -14.93
C THR B 197 3.68 -18.07 -14.13
N CYS B 198 4.25 -16.90 -14.41
CA CYS B 198 3.75 -15.64 -13.80
C CYS B 198 2.92 -14.83 -14.78
N ASN B 199 1.86 -14.19 -14.28
CA ASN B 199 0.91 -13.46 -15.11
C ASN B 199 0.90 -11.96 -14.80
N VAL B 200 1.82 -11.24 -15.43
CA VAL B 200 1.95 -9.79 -15.23
C VAL B 200 0.96 -9.04 -16.11
N ALA B 201 0.29 -8.05 -15.53
CA ALA B 201 -0.67 -7.24 -16.26
C ALA B 201 -0.42 -5.75 -16.03
N HIS B 202 -0.24 -5.00 -17.11
CA HIS B 202 -0.13 -3.55 -17.05
C HIS B 202 -1.35 -2.95 -17.75
N PRO B 203 -2.33 -2.47 -16.96
CA PRO B 203 -3.59 -1.97 -17.51
C PRO B 203 -3.42 -0.80 -18.49
N ALA B 204 -2.56 0.15 -18.15
CA ALA B 204 -2.37 1.37 -18.94
C ALA B 204 -1.86 1.10 -20.36
N SER B 205 -0.69 0.48 -20.47
CA SER B 205 -0.10 0.17 -21.77
C SER B 205 -0.70 -1.07 -22.43
N ALA B 206 -1.87 -1.49 -21.94
CA ALA B 206 -2.59 -2.69 -22.42
C ALA B 206 -1.69 -3.93 -22.56
N THR B 207 -0.87 -4.17 -21.53
CA THR B 207 0.11 -5.26 -21.56
C THR B 207 -0.33 -6.44 -20.69
N SER B 208 -0.18 -7.65 -21.25
CA SER B 208 -0.45 -8.89 -20.53
C SER B 208 0.56 -9.97 -20.93
N VAL B 209 1.71 -9.96 -20.27
CA VAL B 209 2.76 -10.95 -20.52
C VAL B 209 2.62 -12.12 -19.55
N ASP B 210 2.73 -13.33 -20.09
CA ASP B 210 2.83 -14.54 -19.28
C ASP B 210 4.19 -15.18 -19.53
N LYS B 211 5.00 -15.26 -18.47
CA LYS B 211 6.33 -15.85 -18.56
C LYS B 211 6.45 -17.16 -17.79
N ALA B 212 6.95 -18.19 -18.46
CA ALA B 212 7.26 -19.46 -17.84
C ALA B 212 8.66 -19.42 -17.26
N ILE B 213 8.84 -20.06 -16.10
CA ILE B 213 10.13 -20.10 -15.45
C ILE B 213 10.84 -21.40 -15.83
N SER B 214 11.97 -21.27 -16.52
CA SER B 214 12.70 -22.41 -17.06
C SER B 214 14.02 -22.65 -16.33
N PRO B 215 14.30 -23.91 -15.97
CA PRO B 215 15.59 -24.29 -15.37
C PRO B 215 16.76 -23.89 -16.26
N VAL B 216 17.84 -23.41 -15.65
CA VAL B 216 19.01 -22.87 -16.38
C VAL B 216 19.85 -23.94 -17.10
N THR C 3 -25.89 15.93 14.55
CA THR C 3 -25.38 14.61 15.03
C THR C 3 -24.82 13.76 13.88
N TRP C 4 -24.13 12.67 14.23
CA TRP C 4 -23.46 11.78 13.26
C TRP C 4 -24.44 11.03 12.35
N LEU C 5 -25.57 10.61 12.89
CA LEU C 5 -26.54 9.81 12.14
C LEU C 5 -27.49 10.65 11.28
N ASN C 6 -27.50 11.96 11.50
CA ASN C 6 -28.25 12.90 10.68
C ASN C 6 -27.58 13.00 9.29
N PRO C 7 -28.34 12.70 8.23
CA PRO C 7 -27.85 12.73 6.85
C PRO C 7 -27.12 14.03 6.48
N ASP C 8 -27.63 15.17 6.93
CA ASP C 8 -27.05 16.47 6.60
C ASP C 8 -27.27 17.44 7.76
N PRO C 9 -26.46 17.32 8.83
CA PRO C 9 -26.63 18.15 10.04
C PRO C 9 -26.19 19.59 9.81
N SER C 10 -26.81 20.53 10.53
CA SER C 10 -26.57 21.96 10.32
C SER C 10 -25.52 22.61 11.24
N GLN C 11 -24.98 21.85 12.18
CA GLN C 11 -23.95 22.35 13.12
C GLN C 11 -24.41 23.58 13.90
C1 NAG D . -31.96 28.09 0.70
C2 NAG D . -32.17 28.33 2.18
C3 NAG D . -33.48 29.07 2.48
C4 NAG D . -33.91 30.10 1.43
C5 NAG D . -33.50 29.73 -0.01
C6 NAG D . -33.67 30.89 -0.99
C7 NAG D . -31.63 26.99 4.15
C8 NAG D . -32.15 25.88 5.01
N2 NAG D . -32.14 27.08 2.93
O3 NAG D . -33.36 29.73 3.72
O4 NAG D . -35.32 30.20 1.51
O5 NAG D . -32.15 29.29 -0.02
O6 NAG D . -32.69 31.88 -0.74
O7 NAG D . -30.78 27.76 4.60
C1 NAG D . -35.73 31.53 1.90
C2 NAG D . -37.21 31.72 1.59
C3 NAG D . -37.57 33.18 1.80
C4 NAG D . -37.16 33.66 3.20
C5 NAG D . -35.76 33.17 3.63
C6 NAG D . -35.57 33.30 5.13
C7 NAG D . -38.23 30.18 -0.01
C8 NAG D . -38.56 29.93 -1.46
N2 NAG D . -37.51 31.28 0.24
O3 NAG D . -38.96 33.34 1.63
O4 NAG D . -37.20 35.07 3.22
O5 NAG D . -35.53 31.82 3.27
O6 NAG D . -34.22 33.49 5.46
O7 NAG D . -38.62 29.40 0.87
C1 BMA D . -38.30 35.55 4.03
C2 BMA D . -38.09 37.04 4.31
C3 BMA D . -39.28 37.65 5.06
C4 BMA D . -40.62 37.21 4.48
C5 BMA D . -40.66 35.69 4.27
C6 BMA D . -41.97 35.17 3.68
O2 BMA D . -37.86 37.72 3.09
O3 BMA D . -39.22 39.07 5.04
O4 BMA D . -41.68 37.62 5.31
O5 BMA D . -39.57 35.32 3.43
O6 BMA D . -42.17 35.66 2.36
C1 MAN D . -38.48 39.61 6.16
C2 MAN D . -39.17 40.88 6.66
C3 MAN D . -39.04 42.00 5.62
C4 MAN D . -37.61 42.17 5.11
C5 MAN D . -36.93 40.83 4.80
C6 MAN D . -35.43 41.02 4.55
O2 MAN D . -38.60 41.27 7.92
O3 MAN D . -39.51 43.22 6.15
O4 MAN D . -37.65 42.97 3.94
O5 MAN D . -37.13 39.90 5.86
O6 MAN D . -34.97 40.00 3.70
#